data_4FZL
#
_entry.id   4FZL
#
_cell.length_a   55.810
_cell.length_b   96.090
_cell.length_c   64.270
_cell.angle_alpha   90.00
_cell.angle_beta   114.17
_cell.angle_gamma   90.00
#
_symmetry.space_group_name_H-M   'P 1 21 1'
#
loop_
_entity.id
_entity.type
_entity.pdbx_description
1 polymer Bacteriocin
2 non-polymer 'CALCIUM ION'
3 non-polymer 1,2-ETHANEDIOL
4 non-polymer 'CHLORIDE ION'
5 non-polymer 'MAGNESIUM ION'
6 water water
#
_entity_poly.entity_id   1
_entity_poly.type   'polypeptide(L)'
_entity_poly.pdbx_seq_one_letter_code
;GMQNPVATVLLLQGDLYCSPNCLATFQDQARRDSFGIQSKVALKTFAAADQREAEGRDLRTAYNEIATDIGRSQQINENI
IKYPPGNHVLSGGLMTPFHALAHGMFGLGAPLTFPIQNVGLNVDIRGIPDVMNVIQSARPVGTSSLDVNFAYDVGKDSNA
SWLTLGNITLRLVGTIDKNASGAWTFSGEIRAFNDVYDANPSNHRGWLGENLTSLLSAVPFTSYSIEIPGSLPVTVSGNL
EHHHHHH
;
_entity_poly.pdbx_strand_id   A,B
#
loop_
_chem_comp.id
_chem_comp.type
_chem_comp.name
_chem_comp.formula
CA non-polymer 'CALCIUM ION' 'Ca 2'
CL non-polymer 'CHLORIDE ION' 'Cl -1'
EDO non-polymer 1,2-ETHANEDIOL 'C2 H6 O2'
MG non-polymer 'MAGNESIUM ION' 'Mg 2'
#
# COMPACT_ATOMS: atom_id res chain seq x y z
N GLY A 1 -2.74 -2.89 41.06
CA GLY A 1 -2.70 -2.29 39.69
C GLY A 1 -4.10 -2.05 39.18
N MET A 2 -4.41 -2.61 38.01
CA MET A 2 -5.75 -2.43 37.39
C MET A 2 -6.78 -3.49 37.85
N GLN A 3 -8.07 -3.18 37.67
CA GLN A 3 -9.15 -4.05 38.15
C GLN A 3 -9.45 -5.12 37.14
N ASN A 4 -8.72 -5.04 36.00
CA ASN A 4 -8.84 -6.06 35.02
C ASN A 4 -7.58 -6.18 34.12
N PRO A 5 -7.48 -7.34 33.45
CA PRO A 5 -6.32 -7.73 32.69
C PRO A 5 -6.25 -7.06 31.36
N VAL A 6 -7.37 -6.59 30.80
CA VAL A 6 -7.33 -5.84 29.56
C VAL A 6 -6.64 -4.53 29.77
N ALA A 7 -6.98 -3.80 30.84
CA ALA A 7 -6.29 -2.55 31.12
C ALA A 7 -4.79 -2.79 31.42
N THR A 8 -4.46 -3.87 32.16
CA THR A 8 -3.09 -4.22 32.42
C THR A 8 -2.22 -4.34 31.17
N VAL A 9 -2.74 -5.04 30.18
CA VAL A 9 -2.09 -5.23 28.90
C VAL A 9 -1.99 -3.87 28.16
N LEU A 10 -3.05 -3.10 28.19
CA LEU A 10 -2.94 -1.78 27.54
C LEU A 10 -1.75 -0.99 28.13
N LEU A 11 -1.67 -0.90 29.45
CA LEU A 11 -0.61 -0.11 30.07
C LEU A 11 0.74 -0.70 29.74
N LEU A 12 0.88 -2.02 29.79
CA LEU A 12 2.14 -2.69 29.39
C LEU A 12 2.56 -2.39 27.94
N GLN A 13 1.57 -2.26 27.05
CA GLN A 13 1.83 -2.03 25.64
C GLN A 13 1.96 -0.53 25.29
N GLY A 14 1.85 0.37 26.28
CA GLY A 14 1.94 1.80 25.96
C GLY A 14 3.23 2.26 25.28
N ASP A 15 4.39 1.73 25.69
CA ASP A 15 5.67 2.14 25.10
C ASP A 15 5.70 1.78 23.61
N LEU A 16 5.14 0.65 23.26
CA LEU A 16 5.10 0.21 21.86
C LEU A 16 4.01 0.92 21.07
N TYR A 17 2.75 1.04 21.56
CA TYR A 17 1.70 1.61 20.75
C TYR A 17 1.89 3.10 20.59
N CYS A 18 2.40 3.80 21.58
CA CYS A 18 2.64 5.25 21.48
C CYS A 18 4.07 5.49 20.97
N SER A 19 4.38 4.88 19.86
CA SER A 19 5.67 4.96 19.23
C SER A 19 5.51 4.61 17.73
N PRO A 20 6.60 4.69 16.96
CA PRO A 20 6.60 4.20 15.55
C PRO A 20 6.34 2.71 15.44
N ASN A 21 6.41 1.98 16.54
CA ASN A 21 6.12 0.53 16.54
C ASN A 21 4.66 0.20 16.67
N CYS A 22 3.79 1.22 16.65
CA CYS A 22 2.33 1.01 16.87
C CYS A 22 1.76 -0.02 15.91
N LEU A 23 1.96 0.16 14.59
CA LEU A 23 1.30 -0.70 13.66
C LEU A 23 1.74 -2.13 13.84
N ALA A 24 3.06 -2.37 13.83
CA ALA A 24 3.59 -3.75 13.95
C ALA A 24 3.00 -4.44 15.24
N THR A 25 2.97 -3.69 16.31
CA THR A 25 2.50 -4.21 17.61
C THR A 25 1.00 -4.52 17.55
N PHE A 26 0.21 -3.66 16.86
CA PHE A 26 -1.17 -3.92 16.72
C PHE A 26 -1.47 -5.10 15.78
N GLN A 27 -0.69 -5.22 14.69
CA GLN A 27 -0.81 -6.35 13.83
C GLN A 27 -0.56 -7.65 14.62
N ASP A 28 0.43 -7.66 15.48
CA ASP A 28 0.76 -8.87 16.24
C ASP A 28 -0.40 -9.18 17.23
N GLN A 29 -0.98 -8.15 17.86
CA GLN A 29 -2.03 -8.36 18.79
C GLN A 29 -3.24 -8.94 18.03
N ALA A 30 -3.56 -8.35 16.90
CA ALA A 30 -4.73 -8.78 16.14
C ALA A 30 -4.56 -10.24 15.71
N ARG A 31 -3.36 -10.60 15.30
CA ARG A 31 -3.07 -11.97 14.90
C ARG A 31 -3.28 -12.91 16.09
N ARG A 32 -2.81 -12.48 17.26
CA ARG A 32 -2.83 -13.33 18.47
C ARG A 32 -4.28 -13.69 18.92
N ASP A 33 -5.19 -12.72 18.86
CA ASP A 33 -6.56 -12.94 19.37
C ASP A 33 -7.59 -12.91 18.28
N SER A 34 -7.14 -12.98 17.03
CA SER A 34 -8.10 -12.96 15.88
C SER A 34 -9.07 -11.75 15.89
N PHE A 35 -8.45 -10.57 16.02
CA PHE A 35 -9.20 -9.31 16.14
C PHE A 35 -10.30 -9.49 17.17
N GLY A 36 -9.88 -9.96 18.32
CA GLY A 36 -10.73 -10.17 19.46
C GLY A 36 -10.85 -9.01 20.42
N ILE A 37 -11.19 -9.32 21.67
CA ILE A 37 -11.45 -8.25 22.69
C ILE A 37 -10.26 -7.32 22.88
N GLN A 38 -9.07 -7.87 23.17
CA GLN A 38 -7.97 -7.00 23.40
C GLN A 38 -7.67 -6.10 22.21
N SER A 39 -7.74 -6.65 21.01
CA SER A 39 -7.56 -5.86 19.79
C SER A 39 -8.59 -4.74 19.61
N LYS A 40 -9.84 -5.06 19.91
CA LYS A 40 -10.95 -4.09 19.71
C LYS A 40 -10.83 -3.02 20.75
N VAL A 41 -10.51 -3.45 21.96
CA VAL A 41 -10.36 -2.45 23.05
C VAL A 41 -9.11 -1.52 22.77
N ALA A 42 -7.99 -2.09 22.31
CA ALA A 42 -6.85 -1.29 21.87
C ALA A 42 -7.26 -0.27 20.80
N LEU A 43 -7.99 -0.74 19.77
CA LEU A 43 -8.32 0.13 18.66
C LEU A 43 -9.20 1.29 19.12
N LYS A 44 -10.21 0.98 19.96
CA LYS A 44 -11.01 2.02 20.53
C LYS A 44 -10.28 3.02 21.45
N THR A 45 -9.27 2.50 22.15
CA THR A 45 -8.43 3.35 22.99
C THR A 45 -7.62 4.28 22.06
N PHE A 46 -7.06 3.73 20.95
CA PHE A 46 -6.33 4.60 20.04
C PHE A 46 -7.24 5.75 19.57
N ALA A 47 -8.49 5.40 19.20
CA ALA A 47 -9.34 6.46 18.73
C ALA A 47 -9.64 7.50 19.80
N ALA A 48 -9.87 7.02 21.02
CA ALA A 48 -10.09 7.94 22.14
C ALA A 48 -8.86 8.84 22.41
N ALA A 49 -7.67 8.21 22.35
CA ALA A 49 -6.47 8.96 22.66
C ALA A 49 -6.24 10.02 21.56
N ASP A 50 -6.46 9.64 20.31
CA ASP A 50 -6.35 10.59 19.22
C ASP A 50 -7.32 11.74 19.40
N GLN A 51 -8.57 11.43 19.75
CA GLN A 51 -9.53 12.48 20.03
C GLN A 51 -9.00 13.48 21.11
N ARG A 52 -8.47 12.92 22.20
CA ARG A 52 -7.92 13.77 23.20
C ARG A 52 -6.68 14.59 22.71
N GLU A 53 -5.82 13.99 21.90
CA GLU A 53 -4.73 14.76 21.29
C GLU A 53 -5.32 15.92 20.40
N ALA A 54 -6.42 15.67 19.73
CA ALA A 54 -7.02 16.73 18.93
C ALA A 54 -7.51 17.89 19.78
N GLU A 55 -7.82 17.58 21.02
CA GLU A 55 -8.30 18.55 22.03
C GLU A 55 -7.21 19.22 22.79
N GLY A 56 -5.97 18.91 22.47
CA GLY A 56 -4.85 19.55 23.06
C GLY A 56 -4.02 18.73 24.04
N ARG A 57 -4.37 17.45 24.24
CA ARG A 57 -3.68 16.64 25.27
C ARG A 57 -2.46 15.95 24.68
N ASP A 58 -1.55 15.53 25.57
CA ASP A 58 -0.40 14.72 25.20
C ASP A 58 -0.86 13.28 24.87
N LEU A 59 -0.42 12.71 23.72
CA LEU A 59 -0.90 11.39 23.32
C LEU A 59 -0.68 10.32 24.36
N ARG A 60 0.54 10.18 24.82
CA ARG A 60 0.81 9.07 25.69
C ARG A 60 0.03 9.23 27.04
N THR A 61 0.00 10.46 27.58
CA THR A 61 -0.75 10.73 28.80
C THR A 61 -2.17 10.34 28.60
N ALA A 62 -2.75 10.74 27.47
CA ALA A 62 -4.20 10.49 27.10
C ALA A 62 -4.41 8.94 27.06
N TYR A 63 -3.54 8.26 26.32
CA TYR A 63 -3.57 6.82 26.21
C TYR A 63 -3.56 6.15 27.60
N ASN A 64 -2.55 6.57 28.39
CA ASN A 64 -2.40 6.00 29.73
C ASN A 64 -3.67 6.28 30.60
N GLU A 65 -4.20 7.51 30.51
CA GLU A 65 -5.38 7.84 31.29
C GLU A 65 -6.62 7.08 30.88
N ILE A 66 -6.81 6.86 29.57
CA ILE A 66 -7.93 6.05 29.10
C ILE A 66 -7.75 4.58 29.56
N ALA A 67 -6.53 4.07 29.47
CA ALA A 67 -6.30 2.67 29.91
C ALA A 67 -6.56 2.55 31.40
N THR A 68 -6.12 3.56 32.14
CA THR A 68 -6.33 3.57 33.57
C THR A 68 -7.83 3.60 33.92
N ASP A 69 -8.58 4.38 33.16
CA ASP A 69 -10.01 4.43 33.39
C ASP A 69 -10.71 3.13 33.07
N ILE A 70 -10.29 2.49 31.97
CA ILE A 70 -10.83 1.16 31.62
C ILE A 70 -10.56 0.21 32.82
N GLY A 71 -9.36 0.35 33.38
CA GLY A 71 -8.91 -0.39 34.56
C GLY A 71 -9.70 -0.25 35.83
N ARG A 72 -10.59 0.72 35.89
CA ARG A 72 -11.46 0.86 37.07
C ARG A 72 -12.64 -0.16 37.08
N SER A 73 -12.90 -0.79 35.94
CA SER A 73 -13.94 -1.78 35.78
CA SER A 73 -13.97 -1.78 35.85
C SER A 73 -13.39 -3.16 36.07
N GLN A 74 -14.20 -4.04 36.64
CA GLN A 74 -13.79 -5.44 36.76
C GLN A 74 -14.17 -6.24 35.51
N GLN A 75 -14.93 -5.66 34.60
CA GLN A 75 -15.30 -6.39 33.40
C GLN A 75 -14.15 -6.41 32.36
N ILE A 76 -14.24 -7.38 31.44
CA ILE A 76 -13.24 -7.60 30.43
C ILE A 76 -13.79 -7.72 29.00
N ASN A 77 -15.05 -7.33 28.84
CA ASN A 77 -15.65 -7.44 27.52
C ASN A 77 -15.30 -6.29 26.60
N GLU A 78 -15.66 -6.41 25.33
CA GLU A 78 -15.25 -5.39 24.32
C GLU A 78 -15.89 -4.00 24.48
N ASN A 79 -16.96 -3.91 25.29
CA ASN A 79 -17.66 -2.66 25.58
C ASN A 79 -17.21 -1.95 26.84
N ILE A 80 -16.06 -2.34 27.40
CA ILE A 80 -15.53 -1.61 28.54
C ILE A 80 -14.97 -0.24 28.16
N ILE A 81 -14.84 -0.01 26.87
CA ILE A 81 -14.68 1.30 26.34
C ILE A 81 -15.66 1.35 25.16
N LYS A 82 -16.46 2.41 25.11
CA LYS A 82 -17.46 2.66 24.05
C LYS A 82 -16.97 3.71 23.08
N TYR A 83 -17.23 3.50 21.81
CA TYR A 83 -16.92 4.47 20.77
C TYR A 83 -18.00 5.53 20.88
N PRO A 84 -17.62 6.76 21.24
CA PRO A 84 -18.63 7.77 21.58
C PRO A 84 -19.49 8.24 20.43
N PRO A 85 -20.64 8.87 20.77
CA PRO A 85 -21.65 9.12 19.76
C PRO A 85 -21.53 10.45 19.05
N GLY A 86 -20.74 11.38 19.56
CA GLY A 86 -20.74 12.75 19.01
C GLY A 86 -19.74 13.16 17.95
N ASN A 87 -19.11 14.31 18.15
CA ASN A 87 -18.34 14.91 17.11
C ASN A 87 -16.87 14.40 17.15
N HIS A 88 -16.53 13.43 16.30
CA HIS A 88 -15.14 12.94 16.26
CA HIS A 88 -15.16 12.96 16.27
C HIS A 88 -14.27 13.87 15.48
N VAL A 89 -13.05 14.02 15.94
CA VAL A 89 -12.08 14.90 15.37
C VAL A 89 -10.76 14.13 15.33
N LEU A 90 -10.13 14.21 14.20
CA LEU A 90 -8.81 13.66 13.96
C LEU A 90 -7.68 14.67 14.28
N SER A 91 -6.74 14.22 15.08
CA SER A 91 -5.69 15.07 15.46
C SER A 91 -4.56 15.36 14.48
N GLY A 92 -4.35 14.46 13.54
CA GLY A 92 -3.17 14.50 12.70
C GLY A 92 -1.94 13.85 13.30
N GLY A 93 -2.10 13.28 14.48
CA GLY A 93 -1.04 12.61 15.14
C GLY A 93 -0.88 11.13 14.79
N LEU A 94 0.00 10.45 15.57
CA LEU A 94 0.39 9.06 15.38
C LEU A 94 -0.82 8.13 15.16
N MET A 95 -1.87 8.35 15.97
CA MET A 95 -3.00 7.43 16.00
C MET A 95 -4.13 7.83 15.09
N THR A 96 -3.97 8.88 14.34
CA THR A 96 -5.03 9.36 13.44
C THR A 96 -5.52 8.28 12.45
N PRO A 97 -4.60 7.55 11.77
CA PRO A 97 -5.17 6.55 10.81
C PRO A 97 -5.95 5.46 11.57
N PHE A 98 -5.54 5.14 12.80
CA PHE A 98 -6.28 4.17 13.59
C PHE A 98 -7.65 4.70 14.01
N HIS A 99 -7.69 5.99 14.29
CA HIS A 99 -8.97 6.62 14.65
C HIS A 99 -9.92 6.55 13.45
N ALA A 100 -9.43 6.84 12.25
CA ALA A 100 -10.23 6.75 11.04
C ALA A 100 -10.66 5.29 10.82
N LEU A 101 -9.73 4.36 11.06
CA LEU A 101 -10.05 2.94 10.89
C LEU A 101 -11.22 2.51 11.85
N ALA A 102 -10.99 2.87 13.12
CA ALA A 102 -12.02 2.68 14.17
C ALA A 102 -13.40 3.27 13.74
N HIS A 103 -13.39 4.46 13.15
CA HIS A 103 -14.59 5.15 12.85
C HIS A 103 -15.35 4.36 11.78
N GLY A 104 -14.65 3.72 10.84
CA GLY A 104 -15.38 2.97 9.77
C GLY A 104 -16.12 1.73 10.34
N MET A 105 -15.64 1.22 11.46
N MET A 105 -15.60 1.24 11.47
CA MET A 105 -16.24 0.04 12.07
CA MET A 105 -16.14 0.04 12.14
C MET A 105 -17.15 0.32 13.28
C MET A 105 -17.13 0.31 13.27
N PHE A 106 -17.00 1.48 13.90
CA PHE A 106 -17.79 1.83 15.08
C PHE A 106 -18.58 3.11 14.97
N GLY A 107 -18.29 3.94 13.96
CA GLY A 107 -18.87 5.27 13.86
C GLY A 107 -20.23 5.41 13.17
N LEU A 108 -20.85 4.31 12.72
CA LEU A 108 -22.23 4.33 12.16
C LEU A 108 -22.39 5.24 10.93
N GLY A 109 -21.30 5.49 10.19
CA GLY A 109 -21.41 6.32 9.00
C GLY A 109 -21.44 7.81 9.33
N ALA A 110 -21.29 8.20 10.58
CA ALA A 110 -21.32 9.63 10.94
C ALA A 110 -20.15 10.36 10.28
N PRO A 111 -20.35 11.60 9.83
CA PRO A 111 -19.15 12.34 9.38
C PRO A 111 -18.11 12.52 10.49
N LEU A 112 -16.81 12.70 10.15
CA LEU A 112 -15.68 12.89 11.08
C LEU A 112 -15.07 14.22 10.58
N THR A 113 -14.43 14.95 11.47
CA THR A 113 -13.73 16.20 11.15
C THR A 113 -12.26 16.02 11.19
N PHE A 114 -11.55 16.49 10.17
CA PHE A 114 -10.10 16.49 10.10
C PHE A 114 -9.70 17.95 9.86
N PRO A 115 -9.53 18.73 10.93
CA PRO A 115 -9.26 20.17 10.72
C PRO A 115 -8.08 20.39 9.74
N ILE A 116 -8.22 21.33 8.82
CA ILE A 116 -7.17 21.42 7.78
C ILE A 116 -5.76 21.60 8.36
N GLN A 117 -5.69 22.37 9.46
CA GLN A 117 -4.42 22.62 10.05
C GLN A 117 -3.74 21.36 10.71
N ASN A 118 -4.54 20.31 10.93
CA ASN A 118 -4.04 19.05 11.45
C ASN A 118 -3.51 18.09 10.40
N VAL A 119 -3.74 18.38 9.13
CA VAL A 119 -3.38 17.43 8.10
C VAL A 119 -1.88 17.39 7.86
N GLY A 120 -1.23 18.54 8.00
CA GLY A 120 0.23 18.62 7.73
C GLY A 120 0.62 19.07 6.33
N LEU A 121 -0.31 19.72 5.67
CA LEU A 121 -0.09 20.20 4.33
C LEU A 121 1.10 21.20 4.37
N ASN A 122 1.87 21.17 3.31
CA ASN A 122 2.93 22.15 3.07
C ASN A 122 2.98 22.39 1.54
N VAL A 123 1.94 23.06 1.04
CA VAL A 123 1.72 23.08 -0.39
C VAL A 123 2.68 24.10 -1.05
N ASP A 124 3.43 23.63 -2.05
CA ASP A 124 4.33 24.48 -2.81
C ASP A 124 3.61 24.75 -4.14
N ILE A 125 2.83 25.83 -4.22
CA ILE A 125 2.03 26.10 -5.41
C ILE A 125 2.86 26.23 -6.69
N ARG A 126 4.09 26.75 -6.58
CA ARG A 126 4.93 26.95 -7.72
C ARG A 126 5.25 25.59 -8.33
N GLY A 127 5.14 24.52 -7.52
CA GLY A 127 5.32 23.15 -8.02
C GLY A 127 4.09 22.48 -8.63
N ILE A 128 3.01 23.25 -8.88
CA ILE A 128 1.71 22.73 -9.38
C ILE A 128 1.33 23.38 -10.72
N PRO A 129 1.67 22.73 -11.85
CA PRO A 129 1.49 23.40 -13.15
C PRO A 129 0.09 23.87 -13.49
N ASP A 130 -0.94 23.06 -13.26
CA ASP A 130 -2.27 23.57 -13.63
C ASP A 130 -2.58 24.88 -12.88
N VAL A 131 -2.11 25.06 -11.64
CA VAL A 131 -2.33 26.33 -10.89
C VAL A 131 -1.44 27.47 -11.39
N MET A 132 -0.18 27.16 -11.60
CA MET A 132 0.75 28.17 -12.14
C MET A 132 0.31 28.67 -13.53
N ASN A 133 -0.24 27.78 -14.37
CA ASN A 133 -0.82 28.13 -15.67
C ASN A 133 -1.94 29.18 -15.52
N VAL A 134 -2.77 29.03 -14.48
CA VAL A 134 -3.90 29.97 -14.28
C VAL A 134 -3.42 31.31 -13.74
N ILE A 135 -2.55 31.23 -12.77
CA ILE A 135 -1.74 32.39 -12.22
C ILE A 135 -1.20 33.25 -13.35
N GLN A 136 -0.55 32.58 -14.28
CA GLN A 136 0.14 33.27 -15.37
C GLN A 136 -0.68 33.30 -16.67
N SER A 137 -2.01 33.27 -16.53
CA SER A 137 -2.90 33.55 -17.66
C SER A 137 -3.16 35.06 -17.79
N ALA A 138 -3.90 35.43 -18.82
CA ALA A 138 -4.22 36.84 -19.23
C ALA A 138 -4.72 37.66 -18.07
N ARG A 139 -3.84 38.50 -17.51
CA ARG A 139 -4.19 39.33 -16.36
C ARG A 139 -3.87 40.79 -16.46
N PRO A 140 -4.77 41.64 -15.94
CA PRO A 140 -4.41 43.06 -15.87
C PRO A 140 -3.27 43.29 -14.89
N VAL A 141 -2.47 44.32 -15.16
CA VAL A 141 -1.59 44.88 -14.16
C VAL A 141 -2.53 45.37 -13.07
N GLY A 142 -2.08 45.34 -11.82
CA GLY A 142 -2.92 45.63 -10.68
C GLY A 142 -3.44 44.33 -10.07
N THR A 143 -4.62 44.42 -9.45
CA THR A 143 -5.23 43.34 -8.72
C THR A 143 -6.20 42.55 -9.57
N SER A 144 -6.19 41.22 -9.39
CA SER A 144 -7.21 40.35 -9.95
C SER A 144 -7.40 39.13 -9.06
N SER A 145 -8.43 38.36 -9.36
CA SER A 145 -8.84 37.29 -8.49
C SER A 145 -8.45 35.90 -9.05
N LEU A 146 -8.25 34.96 -8.13
CA LEU A 146 -7.91 33.55 -8.48
C LEU A 146 -8.79 32.65 -7.59
N ASP A 147 -9.40 31.62 -8.16
CA ASP A 147 -10.16 30.69 -7.37
C ASP A 147 -10.16 29.40 -8.15
N VAL A 148 -9.24 28.49 -7.87
N VAL A 148 -9.23 28.49 -7.86
CA VAL A 148 -9.17 27.27 -8.61
CA VAL A 148 -9.00 27.30 -8.68
C VAL A 148 -8.95 26.08 -7.70
C VAL A 148 -8.86 26.09 -7.74
N ASN A 149 -9.27 24.92 -8.20
CA ASN A 149 -9.15 23.70 -7.40
C ASN A 149 -8.16 22.74 -8.07
N PHE A 150 -7.53 21.94 -7.23
CA PHE A 150 -6.52 20.97 -7.70
C PHE A 150 -6.42 19.72 -6.82
N ALA A 151 -6.13 18.58 -7.47
CA ALA A 151 -5.89 17.35 -6.74
C ALA A 151 -4.57 17.43 -6.06
N TYR A 152 -4.48 16.80 -4.89
CA TYR A 152 -3.26 16.82 -4.14
C TYR A 152 -3.05 15.49 -3.44
N ASP A 153 -1.85 14.94 -3.62
CA ASP A 153 -1.46 13.69 -2.97
C ASP A 153 -0.85 14.10 -1.63
N VAL A 154 -1.60 13.82 -0.58
CA VAL A 154 -1.25 14.26 0.71
C VAL A 154 0.09 13.65 1.17
N GLY A 155 0.41 12.51 0.54
CA GLY A 155 1.68 11.90 0.77
C GLY A 155 2.86 12.73 0.36
N LYS A 156 2.68 13.69 -0.56
CA LYS A 156 3.73 14.73 -0.87
C LYS A 156 4.24 15.33 0.43
N ASP A 157 3.34 15.46 1.43
CA ASP A 157 3.68 16.10 2.75
C ASP A 157 3.63 15.25 3.96
N SER A 158 2.70 14.30 4.01
CA SER A 158 2.51 13.45 5.19
C SER A 158 2.11 12.04 4.72
N ASN A 159 3.08 11.10 4.57
CA ASN A 159 2.66 9.72 4.40
C ASN A 159 1.55 9.37 5.40
N ALA A 160 1.72 9.79 6.64
CA ALA A 160 0.59 9.48 7.55
C ALA A 160 -0.82 9.87 7.24
N SER A 161 -1.06 11.19 7.06
CA SER A 161 -2.36 11.75 6.64
C SER A 161 -2.84 11.06 5.34
N TRP A 162 -1.86 10.74 4.52
CA TRP A 162 -2.17 9.99 3.31
C TRP A 162 -2.89 8.67 3.62
N LEU A 163 -2.52 7.99 4.67
CA LEU A 163 -3.16 6.73 5.01
C LEU A 163 -4.64 6.91 5.23
N THR A 164 -5.01 8.09 5.72
CA THR A 164 -6.39 8.39 6.04
C THR A 164 -7.12 8.99 4.82
N LEU A 165 -6.47 9.90 4.11
CA LEU A 165 -7.11 10.72 3.03
C LEU A 165 -6.79 10.32 1.59
N GLY A 166 -5.61 9.72 1.37
CA GLY A 166 -5.19 9.47 0.01
C GLY A 166 -4.99 10.79 -0.75
N ASN A 167 -5.61 10.91 -1.93
CA ASN A 167 -5.66 12.20 -2.61
C ASN A 167 -6.86 12.98 -2.10
N ILE A 168 -6.71 14.29 -2.08
CA ILE A 168 -7.82 15.16 -1.76
C ILE A 168 -7.84 16.24 -2.83
N THR A 169 -8.83 17.09 -2.74
CA THR A 169 -8.92 18.24 -3.65
C THR A 169 -8.80 19.46 -2.74
N LEU A 170 -7.93 20.34 -3.17
CA LEU A 170 -7.71 21.62 -2.55
C LEU A 170 -8.23 22.76 -3.39
N ARG A 171 -8.54 23.85 -2.70
CA ARG A 171 -8.94 25.09 -3.34
C ARG A 171 -8.00 26.21 -2.98
N LEU A 172 -7.49 26.94 -3.97
CA LEU A 172 -6.63 28.09 -3.79
C LEU A 172 -7.45 29.30 -4.18
N VAL A 173 -7.65 30.22 -3.23
CA VAL A 173 -8.55 31.33 -3.48
C VAL A 173 -7.91 32.60 -2.89
N GLY A 174 -7.87 33.64 -3.71
CA GLY A 174 -7.31 34.90 -3.32
C GLY A 174 -7.16 35.85 -4.47
N THR A 175 -6.23 36.78 -4.28
CA THR A 175 -6.00 37.84 -5.24
C THR A 175 -4.53 37.85 -5.66
N ILE A 176 -4.32 38.28 -6.89
CA ILE A 176 -3.01 38.42 -7.48
C ILE A 176 -2.80 39.89 -7.77
N ASP A 177 -1.65 40.41 -7.35
CA ASP A 177 -1.22 41.77 -7.62
C ASP A 177 -0.08 41.61 -8.59
N LYS A 178 -0.18 42.25 -9.74
CA LYS A 178 0.86 42.16 -10.76
C LYS A 178 1.29 43.55 -11.24
N ASN A 179 2.60 43.66 -11.52
CA ASN A 179 3.32 44.80 -12.17
C ASN A 179 3.06 45.02 -13.66
N ALA A 180 3.45 46.20 -14.16
CA ALA A 180 3.64 46.34 -15.61
C ALA A 180 4.91 45.57 -16.07
N SER A 181 5.85 45.32 -15.15
CA SER A 181 6.96 44.35 -15.38
C SER A 181 6.49 42.95 -15.76
N GLY A 182 5.56 42.41 -14.97
CA GLY A 182 5.14 41.00 -15.05
C GLY A 182 5.54 40.26 -13.78
N ALA A 183 6.02 41.00 -12.77
CA ALA A 183 6.21 40.43 -11.44
C ALA A 183 4.87 40.38 -10.66
N TRP A 184 4.60 39.28 -9.94
CA TRP A 184 3.30 39.17 -9.24
C TRP A 184 3.43 38.53 -7.89
N THR A 185 2.48 38.90 -7.02
CA THR A 185 2.27 38.27 -5.72
C THR A 185 0.84 37.79 -5.59
N PHE A 186 0.71 36.59 -5.03
CA PHE A 186 -0.58 36.01 -4.73
C PHE A 186 -0.70 36.01 -3.22
N SER A 187 -1.82 36.49 -2.70
CA SER A 187 -2.15 36.35 -1.27
CA SER A 187 -2.13 36.36 -1.28
C SER A 187 -3.54 35.76 -1.19
N GLY A 188 -3.67 34.73 -0.37
CA GLY A 188 -4.92 34.12 -0.21
C GLY A 188 -4.90 32.98 0.71
N GLU A 189 -5.67 31.94 0.40
CA GLU A 189 -5.88 30.81 1.33
C GLU A 189 -6.02 29.51 0.54
N ILE A 190 -5.63 28.42 1.17
CA ILE A 190 -5.92 27.06 0.76
C ILE A 190 -7.08 26.56 1.63
N ARG A 191 -8.09 25.98 0.99
CA ARG A 191 -9.15 25.23 1.67
CA ARG A 191 -9.16 25.25 1.66
C ARG A 191 -9.22 23.84 1.07
N ALA A 192 -10.06 22.99 1.67
CA ALA A 192 -10.10 21.55 1.26
C ALA A 192 -11.52 21.12 1.14
N PHE A 193 -11.80 20.32 0.10
CA PHE A 193 -13.08 19.70 -0.08
C PHE A 193 -13.23 18.46 0.81
N ASN A 194 -14.48 18.14 1.15
CA ASN A 194 -14.73 16.92 1.94
C ASN A 194 -14.18 15.70 1.16
N ASP A 195 -13.77 14.67 1.89
CA ASP A 195 -13.16 13.44 1.33
C ASP A 195 -13.95 12.22 1.79
N VAL A 196 -14.27 11.33 0.85
CA VAL A 196 -14.98 10.12 1.22
C VAL A 196 -13.98 9.07 1.70
N TYR A 197 -14.22 8.55 2.92
CA TYR A 197 -13.44 7.47 3.45
C TYR A 197 -14.13 6.13 3.12
N ASP A 198 -13.55 5.39 2.21
CA ASP A 198 -14.02 4.02 1.90
C ASP A 198 -13.49 3.05 2.93
N ALA A 199 -14.41 2.57 3.80
CA ALA A 199 -14.06 1.78 4.98
C ALA A 199 -13.98 0.27 4.69
N ASN A 200 -14.07 -0.11 3.42
CA ASN A 200 -13.84 -1.51 3.06
C ASN A 200 -12.38 -1.82 3.36
N PRO A 201 -12.10 -2.83 4.20
CA PRO A 201 -10.69 -3.12 4.55
C PRO A 201 -9.80 -3.43 3.34
N SER A 202 -10.38 -3.88 2.21
CA SER A 202 -9.53 -4.14 1.06
C SER A 202 -8.92 -2.83 0.56
N ASN A 203 -9.55 -1.72 0.87
CA ASN A 203 -8.98 -0.43 0.51
CA ASN A 203 -9.02 -0.41 0.51
C ASN A 203 -7.81 0.00 1.34
N HIS A 204 -7.52 -0.77 2.40
CA HIS A 204 -6.53 -0.45 3.42
CA HIS A 204 -6.47 -0.41 3.41
C HIS A 204 -5.45 -1.55 3.49
N ARG A 205 -5.46 -2.45 2.53
CA ARG A 205 -4.59 -3.64 2.58
C ARG A 205 -3.13 -3.33 2.61
N GLY A 206 -2.70 -2.32 1.85
CA GLY A 206 -1.28 -2.06 1.92
C GLY A 206 -0.75 -1.71 3.29
N TRP A 207 -1.52 -0.89 3.98
CA TRP A 207 -1.15 -0.44 5.29
C TRP A 207 -1.34 -1.55 6.30
N LEU A 208 -2.55 -2.12 6.27
CA LEU A 208 -2.91 -3.09 7.34
C LEU A 208 -2.19 -4.45 7.25
N GLY A 209 -1.83 -4.84 6.05
CA GLY A 209 -1.13 -6.10 5.85
C GLY A 209 -2.11 -7.25 5.61
N GLU A 210 -1.57 -8.41 5.24
CA GLU A 210 -2.41 -9.52 4.81
C GLU A 210 -3.33 -10.09 5.88
N ASN A 211 -2.76 -10.26 7.03
CA ASN A 211 -3.50 -10.93 8.11
C ASN A 211 -4.59 -10.08 8.71
N LEU A 212 -4.24 -8.82 8.98
CA LEU A 212 -5.22 -7.93 9.54
C LEU A 212 -6.33 -7.63 8.56
N THR A 213 -5.96 -7.45 7.29
CA THR A 213 -7.01 -7.19 6.28
C THR A 213 -7.96 -8.38 6.25
N SER A 214 -7.40 -9.58 6.30
CA SER A 214 -8.23 -10.77 6.30
C SER A 214 -9.23 -10.80 7.51
N LEU A 215 -8.70 -10.49 8.66
CA LEU A 215 -9.48 -10.50 9.93
C LEU A 215 -10.60 -9.44 9.89
N LEU A 216 -10.31 -8.32 9.30
CA LEU A 216 -11.27 -7.24 9.31
C LEU A 216 -12.29 -7.39 8.16
N SER A 217 -12.00 -8.27 7.21
CA SER A 217 -12.89 -8.45 6.06
C SER A 217 -14.24 -9.01 6.57
N ALA A 218 -14.21 -9.64 7.76
CA ALA A 218 -15.37 -10.30 8.38
C ALA A 218 -16.20 -9.32 9.23
N VAL A 219 -15.67 -8.14 9.46
CA VAL A 219 -16.29 -7.20 10.37
C VAL A 219 -17.12 -6.15 9.58
N PRO A 220 -18.33 -5.81 10.10
CA PRO A 220 -19.07 -4.77 9.35
C PRO A 220 -18.38 -3.39 9.33
N PHE A 221 -18.56 -2.65 8.27
CA PHE A 221 -17.98 -1.31 8.09
C PHE A 221 -19.03 -0.44 7.41
N THR A 222 -18.90 0.88 7.67
CA THR A 222 -19.69 1.87 6.91
C THR A 222 -18.78 3.01 6.54
N SER A 223 -18.73 3.29 5.24
CA SER A 223 -17.95 4.41 4.70
C SER A 223 -18.59 5.70 5.20
N TYR A 224 -17.86 6.79 5.11
CA TYR A 224 -18.28 8.04 5.66
C TYR A 224 -17.52 9.20 5.06
N SER A 225 -17.96 10.41 5.39
CA SER A 225 -17.39 11.66 4.88
C SER A 225 -16.42 12.18 5.94
N ILE A 226 -15.27 12.68 5.46
CA ILE A 226 -14.32 13.38 6.25
C ILE A 226 -14.42 14.85 5.82
N GLU A 227 -14.82 15.71 6.77
CA GLU A 227 -14.88 17.15 6.57
C GLU A 227 -13.55 17.73 6.90
N ILE A 228 -13.06 18.65 6.08
CA ILE A 228 -11.70 19.16 6.24
C ILE A 228 -11.80 20.72 6.32
N PRO A 229 -12.38 21.21 7.47
CA PRO A 229 -12.73 22.61 7.54
C PRO A 229 -11.53 23.50 7.78
N GLY A 230 -11.67 24.80 7.45
CA GLY A 230 -10.70 25.82 7.78
C GLY A 230 -9.94 26.29 6.56
N SER A 231 -9.04 27.21 6.76
CA SER A 231 -8.23 27.71 5.71
CA SER A 231 -8.27 27.84 5.71
C SER A 231 -6.83 27.92 6.19
N LEU A 232 -5.90 27.77 5.26
CA LEU A 232 -4.49 27.99 5.50
C LEU A 232 -4.07 29.21 4.68
N PRO A 233 -3.76 30.34 5.38
CA PRO A 233 -3.36 31.47 4.59
C PRO A 233 -2.03 31.23 3.99
N VAL A 234 -1.86 31.68 2.73
CA VAL A 234 -0.63 31.53 1.98
C VAL A 234 -0.31 32.72 1.08
N THR A 235 0.98 32.88 0.78
CA THR A 235 1.49 33.89 -0.13
CA THR A 235 1.41 33.84 -0.23
C THR A 235 2.48 33.26 -1.10
N VAL A 236 2.42 33.65 -2.36
CA VAL A 236 3.27 33.10 -3.39
C VAL A 236 3.58 34.23 -4.33
N SER A 237 4.84 34.31 -4.75
CA SER A 237 5.22 35.29 -5.76
C SER A 237 5.94 34.66 -6.94
N GLY A 238 6.01 35.38 -8.06
CA GLY A 238 6.85 34.94 -9.19
C GLY A 238 7.00 35.96 -10.29
N ASN A 239 7.44 35.47 -11.47
CA ASN A 239 7.60 36.29 -12.70
C ASN A 239 7.17 35.67 -14.04
N MET B 2 32.82 2.09 -19.72
CA MET B 2 33.17 2.49 -18.31
C MET B 2 34.26 3.57 -18.26
N GLN B 3 34.51 4.08 -19.45
CA GLN B 3 34.53 5.49 -19.62
C GLN B 3 33.04 5.88 -19.41
N ASN B 4 32.09 4.95 -19.72
CA ASN B 4 30.64 5.26 -19.76
C ASN B 4 30.03 5.58 -18.39
N PRO B 5 29.57 6.85 -18.22
CA PRO B 5 29.17 7.29 -16.89
C PRO B 5 27.83 6.71 -16.42
N VAL B 6 27.00 6.25 -17.32
CA VAL B 6 25.73 5.60 -16.95
C VAL B 6 26.07 4.23 -16.36
N ALA B 7 26.92 3.49 -17.04
CA ALA B 7 27.32 2.16 -16.60
C ALA B 7 28.05 2.31 -15.29
N THR B 8 28.89 3.34 -15.21
CA THR B 8 29.62 3.62 -13.99
C THR B 8 28.70 3.76 -12.77
N VAL B 9 27.65 4.55 -12.90
CA VAL B 9 26.69 4.72 -11.82
C VAL B 9 25.97 3.37 -11.51
N LEU B 10 25.60 2.59 -12.53
CA LEU B 10 24.89 1.27 -12.30
C LEU B 10 25.85 0.44 -11.36
N LEU B 11 27.15 0.43 -11.62
CA LEU B 11 28.11 -0.33 -10.78
C LEU B 11 28.25 0.21 -9.35
N LEU B 12 28.33 1.53 -9.18
CA LEU B 12 28.35 2.12 -7.85
C LEU B 12 27.12 1.76 -6.99
N GLN B 13 25.99 1.63 -7.66
CA GLN B 13 24.63 1.41 -7.14
C GLN B 13 24.32 -0.10 -6.88
N GLY B 14 25.15 -0.98 -7.43
CA GLY B 14 24.97 -2.43 -7.44
C GLY B 14 24.61 -2.98 -6.07
N ASP B 15 25.36 -2.59 -5.06
CA ASP B 15 25.16 -3.13 -3.70
C ASP B 15 23.85 -2.70 -3.15
N LEU B 16 23.45 -1.46 -3.46
CA LEU B 16 22.15 -0.96 -3.05
C LEU B 16 20.96 -1.57 -3.82
N TYR B 17 21.05 -1.65 -5.14
CA TYR B 17 19.95 -2.10 -5.95
C TYR B 17 19.75 -3.62 -5.79
N CYS B 18 20.82 -4.39 -5.62
CA CYS B 18 20.63 -5.82 -5.44
C CYS B 18 20.55 -6.19 -3.96
N SER B 19 19.55 -5.62 -3.28
CA SER B 19 19.39 -5.76 -1.83
C SER B 19 18.03 -5.22 -1.46
N PRO B 20 17.66 -5.34 -0.15
CA PRO B 20 16.41 -4.80 0.32
C PRO B 20 16.35 -3.27 0.26
N ASN B 21 17.48 -2.62 -0.06
CA ASN B 21 17.49 -1.17 -0.26
C ASN B 21 17.10 -0.73 -1.68
N CYS B 22 16.77 -1.69 -2.55
CA CYS B 22 16.48 -1.37 -3.92
C CYS B 22 15.47 -0.23 -4.11
N LEU B 23 14.29 -0.36 -3.52
CA LEU B 23 13.18 0.58 -3.79
C LEU B 23 13.62 2.00 -3.32
N ALA B 24 14.16 2.10 -2.10
CA ALA B 24 14.48 3.45 -1.55
C ALA B 24 15.53 4.12 -2.49
N THR B 25 16.50 3.32 -2.91
CA THR B 25 17.54 3.78 -3.78
C THR B 25 17.07 4.21 -5.15
N PHE B 26 16.09 3.48 -5.68
CA PHE B 26 15.53 3.80 -6.93
C PHE B 26 14.58 5.02 -6.88
N GLN B 27 13.80 5.11 -5.81
CA GLN B 27 13.04 6.35 -5.58
C GLN B 27 13.95 7.58 -5.57
N ASP B 28 15.05 7.52 -4.81
CA ASP B 28 16.02 8.64 -4.80
C ASP B 28 16.55 8.96 -6.21
N GLN B 29 16.91 7.93 -6.96
CA GLN B 29 17.38 8.12 -8.34
C GLN B 29 16.32 8.83 -9.17
N ALA B 30 15.12 8.28 -9.10
CA ALA B 30 14.03 8.85 -9.94
C ALA B 30 13.78 10.32 -9.58
N ARG B 31 13.77 10.61 -8.29
CA ARG B 31 13.60 12.00 -7.86
C ARG B 31 14.77 12.93 -8.40
N ARG B 32 16.02 12.43 -8.37
CA ARG B 32 17.17 13.23 -8.77
C ARG B 32 17.15 13.59 -10.26
N ASP B 33 16.68 12.67 -11.10
CA ASP B 33 16.67 12.95 -12.55
C ASP B 33 15.30 13.02 -13.17
N SER B 34 14.29 13.14 -12.32
CA SER B 34 12.91 13.24 -12.82
C SER B 34 12.53 12.06 -13.77
N PHE B 35 12.82 10.82 -13.32
CA PHE B 35 12.63 9.63 -14.13
C PHE B 35 13.24 9.80 -15.51
N GLY B 36 14.52 10.13 -15.48
CA GLY B 36 15.28 10.42 -16.67
C GLY B 36 16.09 9.19 -17.13
N ILE B 37 17.19 9.48 -17.85
CA ILE B 37 18.00 8.44 -18.47
C ILE B 37 18.51 7.39 -17.48
N GLN B 38 19.17 7.87 -16.44
N GLN B 38 19.15 7.88 -16.43
CA GLN B 38 19.75 6.94 -15.46
CA GLN B 38 19.74 7.01 -15.42
C GLN B 38 18.67 6.07 -14.80
C GLN B 38 18.66 6.08 -14.81
N SER B 39 17.52 6.66 -14.47
CA SER B 39 16.40 5.93 -13.92
C SER B 39 15.88 4.86 -14.90
N LYS B 40 15.64 5.28 -16.14
CA LYS B 40 15.13 4.37 -17.18
C LYS B 40 16.10 3.20 -17.46
N VAL B 41 17.39 3.50 -17.53
CA VAL B 41 18.36 2.50 -17.81
C VAL B 41 18.40 1.55 -16.56
N ALA B 42 18.34 2.12 -15.34
CA ALA B 42 18.28 1.31 -14.14
C ALA B 42 17.12 0.32 -14.16
N LEU B 43 15.96 0.85 -14.51
CA LEU B 43 14.73 0.04 -14.55
C LEU B 43 14.86 -1.13 -15.54
N LYS B 44 15.35 -0.81 -16.75
CA LYS B 44 15.49 -1.82 -17.82
C LYS B 44 16.55 -2.88 -17.45
N THR B 45 17.57 -2.44 -16.71
CA THR B 45 18.59 -3.33 -16.24
C THR B 45 18.00 -4.26 -15.16
N PHE B 46 17.12 -3.72 -14.30
CA PHE B 46 16.40 -4.57 -13.32
C PHE B 46 15.62 -5.68 -14.03
N ALA B 47 14.93 -5.32 -15.14
CA ALA B 47 14.06 -6.22 -15.91
C ALA B 47 14.93 -7.28 -16.61
N ALA B 48 16.08 -6.85 -17.12
CA ALA B 48 16.87 -7.81 -17.91
C ALA B 48 17.55 -8.72 -16.95
N ALA B 49 17.90 -8.27 -15.79
CA ALA B 49 18.53 -9.10 -14.85
C ALA B 49 17.56 -10.11 -14.31
N ASP B 50 16.37 -9.65 -14.03
CA ASP B 50 15.38 -10.58 -13.43
C ASP B 50 15.20 -11.70 -14.43
N GLN B 51 15.05 -11.32 -15.70
CA GLN B 51 14.91 -12.27 -16.76
C GLN B 51 16.01 -13.32 -16.79
N ARG B 52 17.26 -12.92 -16.66
CA ARG B 52 18.44 -13.81 -16.47
C ARG B 52 18.24 -14.61 -15.21
N GLU B 53 17.72 -14.05 -14.13
CA GLU B 53 17.50 -14.87 -12.92
C GLU B 53 16.38 -15.98 -13.06
N ALA B 54 15.39 -15.67 -13.95
CA ALA B 54 14.24 -16.56 -14.33
C ALA B 54 14.86 -17.74 -15.15
N GLU B 55 15.91 -17.42 -15.89
CA GLU B 55 16.68 -18.38 -16.71
C GLU B 55 17.78 -19.15 -15.95
N GLY B 56 17.91 -18.92 -14.65
CA GLY B 56 18.79 -19.70 -13.81
C GLY B 56 19.96 -19.00 -13.28
N ARG B 57 20.16 -17.77 -13.74
CA ARG B 57 21.38 -17.07 -13.33
C ARG B 57 21.26 -16.49 -11.94
N ASP B 58 22.35 -16.25 -11.27
CA ASP B 58 22.36 -15.43 -10.00
C ASP B 58 22.17 -13.91 -10.28
N LEU B 59 21.42 -13.22 -9.44
CA LEU B 59 20.82 -11.94 -9.91
C LEU B 59 21.86 -10.84 -10.10
N ARG B 60 22.55 -10.50 -9.01
CA ARG B 60 23.66 -9.62 -9.12
C ARG B 60 24.72 -9.89 -10.28
N THR B 61 25.02 -11.13 -10.61
CA THR B 61 26.05 -11.37 -11.52
C THR B 61 25.43 -11.10 -12.86
N ALA B 62 24.11 -11.28 -12.98
CA ALA B 62 23.53 -10.94 -14.28
C ALA B 62 23.51 -9.40 -14.43
N TYR B 63 23.27 -8.71 -13.35
CA TYR B 63 23.21 -7.24 -13.21
C TYR B 63 24.57 -6.66 -13.63
N ASN B 64 25.62 -7.18 -13.10
CA ASN B 64 26.93 -6.76 -13.52
C ASN B 64 27.27 -7.02 -14.94
N GLU B 65 26.79 -8.09 -15.51
CA GLU B 65 27.07 -8.31 -16.89
C GLU B 65 26.32 -7.40 -17.75
N ILE B 66 25.09 -7.01 -17.35
CA ILE B 66 24.27 -6.19 -18.24
C ILE B 66 24.92 -4.83 -18.21
N ALA B 67 25.43 -4.48 -17.07
CA ALA B 67 25.90 -3.14 -16.77
C ALA B 67 27.24 -2.98 -17.34
N THR B 68 28.15 -3.78 -16.72
CA THR B 68 29.62 -3.74 -16.99
C THR B 68 29.65 -3.77 -18.51
N ASP B 69 28.62 -4.38 -19.06
CA ASP B 69 28.30 -4.40 -20.54
C ASP B 69 27.55 -3.24 -21.38
N ILE B 70 26.61 -2.59 -20.73
CA ILE B 70 26.15 -1.29 -21.23
C ILE B 70 27.39 -0.37 -21.31
N GLY B 71 28.33 -0.58 -20.38
CA GLY B 71 29.61 0.09 -20.42
C GLY B 71 30.49 -0.11 -21.65
N ARG B 72 30.14 -1.01 -22.57
CA ARG B 72 30.87 -1.13 -23.81
C ARG B 72 30.51 -0.06 -24.85
N SER B 73 29.34 0.61 -24.75
N SER B 73 29.35 0.60 -24.65
CA SER B 73 29.10 1.73 -25.67
CA SER B 73 28.95 1.72 -25.51
C SER B 73 29.57 3.02 -25.07
C SER B 73 29.59 2.99 -25.02
N GLN B 74 29.89 3.94 -25.94
N GLN B 74 29.83 3.89 -25.95
CA GLN B 74 30.23 5.25 -25.54
CA GLN B 74 30.23 5.21 -25.58
C GLN B 74 28.98 6.11 -25.45
C GLN B 74 29.00 6.10 -25.49
N GLN B 75 27.82 5.59 -25.88
CA GLN B 75 26.59 6.32 -25.82
C GLN B 75 26.02 6.30 -24.38
N ILE B 76 25.18 7.31 -24.09
CA ILE B 76 24.63 7.50 -22.76
C ILE B 76 23.13 7.76 -22.77
N ASN B 77 22.47 7.51 -23.92
CA ASN B 77 21.05 7.69 -24.12
C ASN B 77 20.26 6.54 -23.51
N GLU B 78 18.95 6.74 -23.36
CA GLU B 78 18.12 5.73 -22.64
C GLU B 78 18.03 4.37 -23.34
N ASN B 79 18.38 4.36 -24.63
CA ASN B 79 18.25 3.15 -25.45
C ASN B 79 19.55 2.34 -25.55
N ILE B 80 20.55 2.67 -24.73
CA ILE B 80 21.79 1.88 -24.55
C ILE B 80 21.47 0.51 -24.00
N ILE B 81 20.26 0.37 -23.46
CA ILE B 81 19.63 -0.94 -23.30
C ILE B 81 18.20 -0.98 -23.79
N LYS B 82 17.86 -2.05 -24.50
CA LYS B 82 16.53 -2.19 -25.08
C LYS B 82 15.79 -3.18 -24.21
N TYR B 83 14.48 -2.97 -24.16
CA TYR B 83 13.54 -3.93 -23.59
C TYR B 83 13.12 -4.82 -24.79
N PRO B 84 13.43 -6.12 -24.68
CA PRO B 84 13.31 -7.04 -25.78
C PRO B 84 11.87 -7.48 -26.13
N PRO B 85 11.67 -7.86 -27.39
CA PRO B 85 10.48 -8.59 -27.81
C PRO B 85 10.62 -10.05 -27.29
N GLY B 86 9.62 -10.85 -27.52
CA GLY B 86 9.73 -12.24 -27.14
C GLY B 86 9.33 -12.39 -25.69
N ASN B 87 9.67 -13.55 -25.13
CA ASN B 87 8.90 -14.10 -24.04
C ASN B 87 9.52 -13.81 -22.72
N HIS B 88 8.89 -12.91 -21.99
CA HIS B 88 9.38 -12.55 -20.67
CA HIS B 88 9.45 -12.58 -20.68
C HIS B 88 8.92 -13.50 -19.60
N VAL B 89 9.83 -13.77 -18.65
CA VAL B 89 9.61 -14.60 -17.49
C VAL B 89 10.05 -13.90 -16.23
N LEU B 90 9.23 -13.96 -15.19
CA LEU B 90 9.54 -13.38 -13.88
C LEU B 90 10.10 -14.40 -12.98
N SER B 91 11.15 -14.00 -12.29
CA SER B 91 11.95 -14.89 -11.45
C SER B 91 11.41 -15.20 -10.07
N GLY B 92 10.66 -14.28 -9.50
CA GLY B 92 10.27 -14.32 -8.11
C GLY B 92 11.20 -13.69 -7.08
N GLY B 93 12.36 -13.19 -7.54
CA GLY B 93 13.33 -12.49 -6.68
C GLY B 93 13.03 -11.01 -6.44
N LEU B 94 13.98 -10.34 -5.80
CA LEU B 94 13.91 -8.92 -5.41
C LEU B 94 13.40 -8.01 -6.48
N MET B 95 13.86 -8.26 -7.70
CA MET B 95 13.58 -7.37 -8.83
C MET B 95 12.33 -7.74 -9.59
N THR B 96 11.65 -8.82 -9.22
CA THR B 96 10.42 -9.17 -9.90
C THR B 96 9.40 -8.02 -10.04
N PRO B 97 9.08 -7.31 -8.94
CA PRO B 97 8.08 -6.25 -9.14
C PRO B 97 8.58 -5.15 -10.08
N PHE B 98 9.91 -4.90 -10.09
CA PHE B 98 10.46 -3.95 -11.06
C PHE B 98 10.41 -4.46 -12.52
N HIS B 99 10.64 -5.78 -12.72
CA HIS B 99 10.46 -6.40 -14.04
C HIS B 99 9.03 -6.17 -14.54
N ALA B 100 8.07 -6.37 -13.62
CA ALA B 100 6.66 -6.27 -13.98
C ALA B 100 6.31 -4.81 -14.30
N LEU B 101 6.88 -3.91 -13.49
CA LEU B 101 6.74 -2.46 -13.72
C LEU B 101 7.28 -2.04 -15.11
N ALA B 102 8.47 -2.55 -15.43
CA ALA B 102 9.10 -2.27 -16.72
C ALA B 102 8.22 -2.80 -17.86
N HIS B 103 7.67 -3.99 -17.67
CA HIS B 103 6.88 -4.60 -18.73
C HIS B 103 5.64 -3.77 -19.01
N GLY B 104 5.07 -3.14 -17.97
CA GLY B 104 3.92 -2.23 -18.14
C GLY B 104 4.19 -1.02 -19.05
N MET B 105 5.48 -0.63 -19.07
CA MET B 105 5.89 0.60 -19.80
CA MET B 105 5.99 0.59 -19.77
C MET B 105 6.63 0.33 -21.11
N PHE B 106 7.16 -0.88 -21.28
CA PHE B 106 7.90 -1.21 -22.50
C PHE B 106 7.41 -2.45 -23.24
N GLY B 107 6.56 -3.25 -22.63
CA GLY B 107 6.22 -4.56 -23.17
C GLY B 107 5.11 -4.67 -24.20
N LEU B 108 4.53 -3.54 -24.65
CA LEU B 108 3.49 -3.47 -25.72
C LEU B 108 2.28 -4.33 -25.43
N GLY B 109 2.03 -4.56 -24.14
CA GLY B 109 0.88 -5.33 -23.71
C GLY B 109 1.01 -6.84 -23.91
N ALA B 110 2.22 -7.32 -24.19
CA ALA B 110 2.43 -8.77 -24.44
C ALA B 110 2.16 -9.53 -23.16
N PRO B 111 1.47 -10.70 -23.25
CA PRO B 111 1.57 -11.49 -21.95
C PRO B 111 2.97 -11.82 -21.50
N LEU B 112 3.11 -12.10 -20.21
CA LEU B 112 4.36 -12.52 -19.67
C LEU B 112 4.12 -13.70 -18.69
N THR B 113 5.19 -14.35 -18.23
CA THR B 113 5.07 -15.65 -17.52
C THR B 113 5.75 -15.56 -16.16
N PHE B 114 5.04 -16.04 -15.14
CA PHE B 114 5.51 -16.08 -13.78
C PHE B 114 5.30 -17.55 -13.35
N PRO B 115 6.30 -18.40 -13.58
CA PRO B 115 6.18 -19.82 -13.22
C PRO B 115 5.69 -19.99 -11.76
N ILE B 116 4.71 -20.90 -11.57
CA ILE B 116 4.12 -21.05 -10.23
C ILE B 116 5.15 -21.32 -9.13
N GLN B 117 6.22 -22.06 -9.44
CA GLN B 117 7.23 -22.36 -8.45
C GLN B 117 8.05 -21.13 -8.07
N ASN B 118 8.01 -20.06 -8.86
CA ASN B 118 8.76 -18.85 -8.55
C ASN B 118 7.98 -17.91 -7.63
N VAL B 119 6.69 -18.15 -7.47
CA VAL B 119 5.89 -17.22 -6.70
C VAL B 119 6.18 -17.24 -5.20
N GLY B 120 6.63 -18.38 -4.70
CA GLY B 120 6.93 -18.56 -3.27
C GLY B 120 5.73 -18.86 -2.38
N LEU B 121 4.76 -19.51 -2.98
CA LEU B 121 3.57 -19.93 -2.24
C LEU B 121 3.83 -21.02 -1.21
N ASN B 122 3.11 -20.88 -0.11
CA ASN B 122 3.22 -21.76 1.06
C ASN B 122 1.80 -21.90 1.55
N VAL B 123 0.98 -22.54 0.72
CA VAL B 123 -0.50 -22.67 0.93
C VAL B 123 -0.80 -23.76 1.97
N ASP B 124 -1.39 -23.35 3.10
CA ASP B 124 -1.98 -24.34 4.02
C ASP B 124 -3.48 -24.32 3.90
N ILE B 125 -4.03 -25.30 3.17
CA ILE B 125 -5.43 -25.27 2.90
C ILE B 125 -6.34 -25.34 4.12
N ARG B 126 -5.78 -25.77 5.23
CA ARG B 126 -6.57 -25.88 6.43
C ARG B 126 -6.95 -24.51 7.00
N GLY B 127 -6.25 -23.48 6.55
CA GLY B 127 -6.60 -22.09 6.86
C GLY B 127 -7.48 -21.40 5.86
N ILE B 128 -8.02 -22.12 4.88
CA ILE B 128 -8.86 -21.49 3.86
C ILE B 128 -10.27 -22.00 4.07
N PRO B 129 -11.16 -21.20 4.70
CA PRO B 129 -12.47 -21.73 5.00
C PRO B 129 -13.29 -22.20 3.79
N ASP B 130 -13.08 -21.62 2.61
CA ASP B 130 -13.86 -22.05 1.46
C ASP B 130 -13.47 -23.49 1.02
N VAL B 131 -12.20 -23.85 1.19
CA VAL B 131 -11.76 -25.21 0.94
C VAL B 131 -12.27 -26.12 2.06
N MET B 132 -12.13 -25.68 3.29
CA MET B 132 -12.49 -26.55 4.40
C MET B 132 -13.97 -26.82 4.48
N ASN B 133 -14.81 -25.90 3.99
CA ASN B 133 -16.24 -26.14 4.04
C ASN B 133 -16.58 -27.19 3.03
N VAL B 134 -15.83 -27.27 1.94
CA VAL B 134 -16.05 -28.34 0.93
C VAL B 134 -15.58 -29.69 1.49
N ILE B 135 -14.40 -29.73 2.11
CA ILE B 135 -13.93 -30.97 2.73
C ILE B 135 -14.94 -31.49 3.76
N GLN B 136 -15.51 -30.59 4.55
CA GLN B 136 -16.41 -31.00 5.63
C GLN B 136 -17.81 -31.44 5.13
N SER B 137 -18.52 -30.47 4.63
CA SER B 137 -19.97 -30.61 4.49
C SER B 137 -20.31 -31.13 3.10
N ALA B 138 -19.30 -31.14 2.24
CA ALA B 138 -19.51 -31.33 0.82
C ALA B 138 -19.00 -32.69 0.31
N ARG B 139 -18.25 -33.42 1.16
CA ARG B 139 -17.62 -34.70 0.76
C ARG B 139 -18.03 -35.84 1.72
N PRO B 140 -18.30 -37.06 1.18
CA PRO B 140 -18.67 -38.19 2.03
C PRO B 140 -17.52 -38.77 2.90
N VAL B 141 -17.79 -39.80 3.70
CA VAL B 141 -16.69 -40.67 4.22
C VAL B 141 -16.11 -41.73 3.21
N GLY B 142 -14.78 -41.87 3.16
CA GLY B 142 -14.08 -42.59 2.08
C GLY B 142 -13.33 -41.63 1.15
N THR B 143 -13.07 -42.06 -0.09
CA THR B 143 -12.26 -41.29 -1.05
C THR B 143 -13.14 -40.64 -2.10
N SER B 144 -12.85 -39.38 -2.35
CA SER B 144 -13.57 -38.65 -3.35
C SER B 144 -12.74 -37.58 -4.00
N SER B 145 -13.23 -37.07 -5.12
CA SER B 145 -12.61 -35.97 -5.85
C SER B 145 -12.86 -34.59 -5.22
N LEU B 146 -11.84 -33.71 -5.29
CA LEU B 146 -11.97 -32.35 -4.85
C LEU B 146 -11.33 -31.46 -5.94
N ASP B 147 -12.04 -30.45 -6.44
CA ASP B 147 -11.48 -29.59 -7.48
C ASP B 147 -12.22 -28.23 -7.29
N VAL B 148 -11.57 -27.36 -6.53
N VAL B 148 -11.54 -27.34 -6.56
CA VAL B 148 -12.11 -26.08 -6.16
CA VAL B 148 -12.10 -26.09 -6.06
C VAL B 148 -11.09 -24.98 -6.38
C VAL B 148 -11.09 -24.97 -6.28
N ASN B 149 -11.60 -23.77 -6.53
CA ASN B 149 -10.82 -22.55 -6.75
C ASN B 149 -11.04 -21.59 -5.59
N PHE B 150 -10.02 -20.80 -5.29
CA PHE B 150 -10.14 -19.85 -4.19
C PHE B 150 -9.19 -18.67 -4.40
N ALA B 151 -9.60 -17.52 -3.88
CA ALA B 151 -8.72 -16.38 -3.87
C ALA B 151 -7.68 -16.49 -2.80
N TYR B 152 -6.47 -16.00 -3.07
CA TYR B 152 -5.34 -16.15 -2.16
C TYR B 152 -4.53 -14.84 -2.24
N ASP B 153 -4.27 -14.26 -1.06
CA ASP B 153 -3.41 -13.11 -0.90
C ASP B 153 -1.97 -13.56 -0.84
N VAL B 154 -1.26 -13.43 -1.96
CA VAL B 154 0.13 -13.88 -1.95
C VAL B 154 1.08 -13.21 -0.92
N GLY B 155 0.67 -12.07 -0.34
CA GLY B 155 1.52 -11.37 0.62
C GLY B 155 1.63 -12.11 1.89
N LYS B 156 0.84 -13.19 2.07
CA LYS B 156 1.01 -14.09 3.24
CA LYS B 156 1.09 -14.04 3.25
C LYS B 156 2.49 -14.63 3.16
N ASP B 157 2.95 -14.86 1.94
CA ASP B 157 4.18 -15.62 1.62
C ASP B 157 5.34 -14.87 0.96
N SER B 158 5.07 -13.89 0.07
CA SER B 158 6.18 -13.21 -0.67
C SER B 158 5.80 -11.79 -0.91
N ASN B 159 6.65 -10.86 -0.50
CA ASN B 159 6.48 -9.42 -0.79
C ASN B 159 6.65 -9.14 -2.27
N ALA B 160 7.75 -9.61 -2.87
CA ALA B 160 8.03 -9.41 -4.31
C ALA B 160 6.80 -9.89 -5.14
N SER B 161 6.23 -11.00 -4.71
CA SER B 161 5.13 -11.57 -5.45
C SER B 161 3.84 -10.80 -5.24
N TRP B 162 3.55 -10.36 -4.01
CA TRP B 162 2.39 -9.59 -3.73
C TRP B 162 2.42 -8.25 -4.47
N LEU B 163 3.57 -7.65 -4.55
CA LEU B 163 3.70 -6.38 -5.26
C LEU B 163 3.45 -6.53 -6.73
N THR B 164 3.65 -7.72 -7.29
CA THR B 164 3.37 -7.99 -8.72
C THR B 164 1.93 -8.46 -8.99
N LEU B 165 1.42 -9.33 -8.10
CA LEU B 165 0.19 -10.11 -8.32
C LEU B 165 -0.98 -9.65 -7.49
N GLY B 166 -0.71 -9.09 -6.31
CA GLY B 166 -1.78 -8.87 -5.33
C GLY B 166 -2.46 -10.20 -4.99
N ASN B 167 -3.77 -10.30 -5.16
CA ASN B 167 -4.47 -11.56 -5.00
C ASN B 167 -4.44 -12.30 -6.30
N ILE B 168 -4.42 -13.63 -6.15
CA ILE B 168 -4.60 -14.47 -7.29
C ILE B 168 -5.66 -15.50 -6.93
N THR B 169 -6.05 -16.23 -7.97
CA THR B 169 -6.95 -17.34 -7.83
C THR B 169 -6.14 -18.64 -8.01
N LEU B 170 -6.28 -19.51 -7.02
CA LEU B 170 -5.66 -20.81 -7.05
C LEU B 170 -6.72 -21.89 -7.25
N ARG B 171 -6.30 -22.99 -7.81
CA ARG B 171 -7.10 -24.19 -8.02
C ARG B 171 -6.41 -25.31 -7.20
N LEU B 172 -7.23 -26.00 -6.43
CA LEU B 172 -6.86 -27.15 -5.64
C LEU B 172 -7.53 -28.36 -6.22
N VAL B 173 -6.76 -29.32 -6.76
CA VAL B 173 -7.36 -30.41 -7.53
C VAL B 173 -6.60 -31.69 -7.10
N GLY B 174 -7.39 -32.64 -6.62
CA GLY B 174 -6.90 -33.98 -6.21
C GLY B 174 -8.03 -34.81 -5.62
N THR B 175 -7.68 -35.64 -4.66
CA THR B 175 -8.59 -36.55 -4.02
C THR B 175 -8.47 -36.41 -2.53
N ILE B 176 -9.58 -36.60 -1.85
CA ILE B 176 -9.58 -36.48 -0.40
C ILE B 176 -9.97 -37.81 0.17
N ASP B 177 -9.41 -38.31 1.22
CA ASP B 177 -9.81 -39.56 1.81
C ASP B 177 -10.23 -39.19 3.24
N LYS B 178 -11.50 -39.43 3.60
CA LYS B 178 -12.04 -39.02 4.92
C LYS B 178 -12.40 -40.27 5.70
N ASN B 179 -11.98 -40.24 6.96
CA ASN B 179 -12.37 -41.26 7.96
C ASN B 179 -13.63 -40.81 8.80
N ALA B 180 -14.42 -41.79 9.22
CA ALA B 180 -15.56 -41.56 10.10
C ALA B 180 -15.13 -40.85 11.38
N SER B 181 -13.92 -41.19 11.84
CA SER B 181 -13.22 -40.54 12.96
C SER B 181 -13.10 -39.00 12.84
N GLY B 182 -13.28 -38.43 11.63
CA GLY B 182 -12.85 -37.05 11.34
C GLY B 182 -11.50 -36.80 10.62
N ALA B 183 -10.56 -37.75 10.70
CA ALA B 183 -9.25 -37.63 10.07
C ALA B 183 -9.45 -37.59 8.56
N TRP B 184 -8.65 -36.76 7.88
CA TRP B 184 -8.66 -36.71 6.44
C TRP B 184 -7.29 -36.42 5.93
N THR B 185 -7.04 -36.83 4.70
CA THR B 185 -5.83 -36.49 3.92
C THR B 185 -6.21 -36.20 2.50
N PHE B 186 -5.62 -35.11 2.03
CA PHE B 186 -5.78 -34.65 0.64
C PHE B 186 -4.47 -34.86 -0.06
N SER B 187 -4.56 -35.40 -1.28
N SER B 187 -4.55 -35.40 -1.28
CA SER B 187 -3.40 -35.57 -2.17
CA SER B 187 -3.38 -35.56 -2.15
C SER B 187 -3.73 -34.99 -3.53
C SER B 187 -3.73 -35.00 -3.51
N GLY B 188 -2.88 -34.12 -4.03
CA GLY B 188 -3.16 -33.49 -5.31
C GLY B 188 -2.21 -32.38 -5.59
N GLU B 189 -2.68 -31.32 -6.23
N GLU B 189 -2.68 -31.29 -6.16
CA GLU B 189 -1.87 -30.22 -6.74
CA GLU B 189 -1.80 -30.20 -6.48
C GLU B 189 -2.57 -28.89 -6.52
C GLU B 189 -2.56 -28.88 -6.49
N ILE B 190 -1.76 -27.85 -6.47
N ILE B 190 -1.76 -27.84 -6.48
CA ILE B 190 -2.19 -26.48 -6.60
CA ILE B 190 -2.18 -26.47 -6.60
C ILE B 190 -1.72 -25.99 -7.96
C ILE B 190 -1.74 -25.97 -7.97
N ARG B 191 -2.67 -25.35 -8.64
N ARG B 191 -2.69 -25.32 -8.63
CA ARG B 191 -2.43 -24.62 -9.87
CA ARG B 191 -2.43 -24.57 -9.84
C ARG B 191 -2.96 -23.16 -9.73
C ARG B 191 -2.95 -23.13 -9.71
N ALA B 192 -2.64 -22.32 -10.71
CA ALA B 192 -3.00 -20.87 -10.66
C ALA B 192 -3.57 -20.35 -11.93
N PHE B 193 -4.56 -19.47 -11.78
CA PHE B 193 -5.17 -18.87 -12.93
C PHE B 193 -4.32 -17.61 -13.36
N ASN B 194 -4.41 -17.25 -14.64
CA ASN B 194 -3.71 -16.09 -15.10
C ASN B 194 -4.19 -14.86 -14.32
N ASP B 195 -3.36 -13.85 -14.21
CA ASP B 195 -3.68 -12.69 -13.44
C ASP B 195 -3.51 -11.46 -14.32
N VAL B 196 -4.34 -10.47 -14.19
CA VAL B 196 -4.19 -9.28 -15.00
C VAL B 196 -3.32 -8.27 -14.26
N TYR B 197 -2.29 -7.81 -14.90
CA TYR B 197 -1.49 -6.72 -14.37
C TYR B 197 -2.01 -5.37 -14.87
N ASP B 198 -2.59 -4.60 -13.99
CA ASP B 198 -3.02 -3.26 -14.31
C ASP B 198 -1.80 -2.35 -14.17
N ALA B 199 -1.39 -1.83 -15.31
CA ALA B 199 -0.14 -1.11 -15.44
C ALA B 199 -0.31 0.41 -15.24
N ASN B 200 -1.52 0.85 -14.91
CA ASN B 200 -1.67 2.26 -14.51
C ASN B 200 -0.89 2.56 -13.23
N PRO B 201 0.01 3.57 -13.29
CA PRO B 201 0.84 3.82 -12.10
C PRO B 201 0.06 4.15 -10.81
N SER B 202 -1.15 4.70 -10.93
CA SER B 202 -2.00 4.87 -9.74
C SER B 202 -2.27 3.59 -9.00
N ASN B 203 -2.20 2.46 -9.69
N ASN B 203 -2.30 2.46 -9.72
CA ASN B 203 -2.42 1.18 -9.01
CA ASN B 203 -2.51 1.17 -9.08
C ASN B 203 -1.25 0.75 -8.18
C ASN B 203 -1.28 0.75 -8.28
N HIS B 204 -0.15 1.46 -8.36
CA HIS B 204 1.11 1.07 -7.72
C HIS B 204 1.57 2.17 -6.76
N ARG B 205 0.69 3.09 -6.41
CA ARG B 205 1.02 4.27 -5.59
C ARG B 205 1.58 3.88 -4.22
N GLY B 206 0.99 2.89 -3.58
CA GLY B 206 1.46 2.53 -2.26
C GLY B 206 2.88 2.05 -2.22
N TRP B 207 3.25 1.26 -3.22
CA TRP B 207 4.60 0.79 -3.36
C TRP B 207 5.54 1.86 -3.81
N LEU B 208 5.24 2.49 -4.93
CA LEU B 208 6.14 3.48 -5.60
C LEU B 208 6.35 4.78 -4.84
N GLY B 209 5.35 5.18 -4.06
CA GLY B 209 5.46 6.46 -3.34
C GLY B 209 4.90 7.61 -4.17
N GLU B 210 4.71 8.76 -3.53
CA GLU B 210 4.08 9.94 -4.16
C GLU B 210 4.86 10.47 -5.37
N ASN B 211 6.17 10.59 -5.21
CA ASN B 211 6.99 11.25 -6.24
C ASN B 211 7.12 10.40 -7.48
N LEU B 212 7.44 9.12 -7.27
CA LEU B 212 7.62 8.20 -8.43
C LEU B 212 6.30 8.05 -9.21
N THR B 213 5.21 7.91 -8.45
CA THR B 213 3.90 7.74 -9.07
C THR B 213 3.62 8.98 -9.94
N SER B 214 3.88 10.15 -9.38
CA SER B 214 3.73 11.39 -10.12
C SER B 214 4.52 11.40 -11.46
N LEU B 215 5.81 11.02 -11.33
CA LEU B 215 6.73 10.98 -12.47
C LEU B 215 6.22 10.00 -13.56
N LEU B 216 5.70 8.88 -13.10
CA LEU B 216 5.27 7.83 -13.97
C LEU B 216 3.89 8.12 -14.56
N SER B 217 3.17 9.08 -13.97
N SER B 217 3.16 9.06 -13.99
CA SER B 217 1.83 9.44 -14.41
CA SER B 217 1.80 9.31 -14.45
C SER B 217 1.87 9.88 -15.88
C SER B 217 1.81 9.97 -15.86
N ALA B 218 2.98 10.48 -16.28
CA ALA B 218 3.14 11.02 -17.63
C ALA B 218 3.50 9.96 -18.70
N VAL B 219 3.92 8.79 -18.24
CA VAL B 219 4.58 7.79 -19.07
C VAL B 219 3.54 6.80 -19.60
N PRO B 220 3.58 6.49 -20.91
CA PRO B 220 2.54 5.52 -21.38
C PRO B 220 2.72 4.11 -20.78
N PHE B 221 1.61 3.39 -20.65
CA PHE B 221 1.59 2.09 -20.07
C PHE B 221 0.57 1.25 -20.78
N THR B 222 0.77 -0.07 -20.75
CA THR B 222 -0.23 -0.98 -21.30
C THR B 222 -0.32 -2.14 -20.32
N SER B 223 -1.56 -2.45 -19.87
CA SER B 223 -1.79 -3.59 -19.00
C SER B 223 -1.62 -4.88 -19.81
N TYR B 224 -1.47 -5.98 -19.09
CA TYR B 224 -1.15 -7.23 -19.70
C TYR B 224 -1.47 -8.40 -18.78
N SER B 225 -1.41 -9.57 -19.34
CA SER B 225 -1.70 -10.80 -18.62
C SER B 225 -0.44 -11.44 -18.14
N ILE B 226 -0.50 -11.91 -16.89
CA ILE B 226 0.58 -12.71 -16.30
C ILE B 226 0.09 -14.17 -16.22
N GLU B 227 0.74 -15.05 -16.98
CA GLU B 227 0.42 -16.46 -16.95
C GLU B 227 1.25 -17.08 -15.84
N ILE B 228 0.59 -17.95 -15.10
CA ILE B 228 1.23 -18.56 -13.91
C ILE B 228 1.18 -20.09 -14.09
N PRO B 229 2.01 -20.62 -15.00
CA PRO B 229 1.89 -22.02 -15.36
C PRO B 229 2.47 -22.94 -14.33
N GLY B 230 2.03 -24.20 -14.39
CA GLY B 230 2.65 -25.26 -13.61
C GLY B 230 1.78 -25.73 -12.46
N SER B 231 2.28 -26.71 -11.72
CA SER B 231 1.57 -27.38 -10.61
C SER B 231 2.49 -27.53 -9.46
N LEU B 232 1.95 -27.35 -8.26
CA LEU B 232 2.68 -27.58 -7.03
C LEU B 232 2.03 -28.80 -6.35
N PRO B 233 2.79 -29.89 -6.14
CA PRO B 233 2.18 -31.02 -5.46
C PRO B 233 1.92 -30.71 -3.99
N VAL B 234 0.83 -31.19 -3.47
N VAL B 234 0.77 -31.18 -3.50
CA VAL B 234 0.57 -31.00 -2.07
CA VAL B 234 0.24 -30.94 -2.15
C VAL B 234 -0.16 -32.22 -1.55
C VAL B 234 -0.22 -32.27 -1.55
N THR B 235 0.30 -32.64 -0.37
CA THR B 235 -0.35 -33.67 0.44
C THR B 235 -0.47 -33.01 1.81
N VAL B 236 -1.69 -33.05 2.36
CA VAL B 236 -1.98 -32.37 3.63
C VAL B 236 -3.09 -33.12 4.36
N SER B 237 -3.00 -33.13 5.69
CA SER B 237 -3.95 -33.82 6.49
C SER B 237 -4.48 -32.93 7.57
N GLY B 238 -5.65 -33.29 8.04
CA GLY B 238 -6.23 -32.61 9.20
C GLY B 238 -7.27 -33.49 9.87
N ASN B 239 -8.05 -32.91 10.77
CA ASN B 239 -9.05 -33.70 11.44
C ASN B 239 -10.21 -32.81 11.82
N LEU B 240 -11.40 -33.14 11.30
CA LEU B 240 -12.53 -32.29 11.48
C LEU B 240 -12.99 -32.27 12.94
N GLU B 241 -12.57 -33.28 13.72
CA GLU B 241 -13.05 -33.40 15.10
C GLU B 241 -12.04 -32.84 16.13
N HIS B 242 -10.86 -32.42 15.67
CA HIS B 242 -9.84 -31.79 16.54
C HIS B 242 -9.65 -30.34 16.17
N HIS B 243 -8.93 -30.13 15.05
CA HIS B 243 -8.52 -28.80 14.56
C HIS B 243 -8.83 -27.66 15.53
CA CA C . -9.28 10.78 -0.74
C1 EDO D . -12.15 10.17 -2.08
O1 EDO D . -11.37 9.61 -0.98
C2 EDO D . -11.25 10.41 -3.31
O2 EDO D . -10.03 11.06 -2.95
C1 EDO E . -13.40 24.42 -0.21
O1 EDO E . -13.90 25.75 0.01
C2 EDO E . -14.48 23.41 -0.09
O2 EDO E . -15.07 23.39 1.18
C1 EDO F . -17.23 29.44 -0.19
O1 EDO F . -18.54 29.13 0.44
C2 EDO F . -17.56 30.21 -1.44
O2 EDO F . -16.74 31.33 -1.83
C1 EDO G . -11.95 31.98 -11.78
O1 EDO G . -12.54 32.56 -10.60
C2 EDO G . -10.71 31.15 -11.59
O2 EDO G . -9.66 31.91 -11.03
C1 EDO H . 6.54 26.07 -0.53
O1 EDO H . 7.26 24.92 -0.04
C2 EDO H . 5.52 26.38 0.55
O2 EDO H . 6.09 25.71 1.71
C1 EDO I . -20.87 -3.44 4.15
O1 EDO I . -20.96 -2.10 4.71
C2 EDO I . -20.02 -4.40 5.02
O2 EDO I . -20.33 -4.22 6.36
CL CL J . -17.12 -9.05 31.33
C1 EDO K . 1.70 17.61 -5.45
O1 EDO K . 1.03 18.18 -6.58
C2 EDO K . 0.78 16.54 -4.83
O2 EDO K . -0.10 15.95 -5.71
CA CA L . -4.07 -10.02 -9.02
MG MG M . -9.86 -44.21 3.36
C1 EDO N . -7.01 -9.31 -9.36
O1 EDO N . -6.33 -10.44 -8.90
C2 EDO N . -6.38 -8.83 -10.67
O2 EDO N . -4.96 -8.81 -10.85
C1 EDO O . 15.36 12.14 -20.17
O1 EDO O . 15.13 12.95 -19.03
C2 EDO O . 14.28 11.08 -20.19
O2 EDO O . 14.76 9.96 -20.83
C1 EDO P . -5.87 -22.59 -14.37
O1 EDO P . -4.72 -22.65 -15.17
C2 EDO P . -5.59 -23.60 -13.34
O2 EDO P . -5.75 -24.95 -13.73
C1 EDO Q . -6.84 -39.89 7.28
O1 EDO Q . -5.51 -39.85 7.05
C2 EDO Q . -7.58 -40.88 6.46
O2 EDO Q . -7.15 -40.93 5.19
C1 EDO R . -6.31 -38.85 -0.83
O1 EDO R . -6.35 -39.81 -1.89
C2 EDO R . -5.18 -38.95 0.12
O2 EDO R . -4.82 -40.29 0.49
C1 EDO S . -10.87 -45.73 1.41
O1 EDO S . -10.84 -44.34 1.69
C2 EDO S . -11.60 -46.51 2.55
O2 EDO S . -11.06 -46.33 3.88
CL CL T . 24.28 9.22 -26.64
#